data_5ED9
#
_entry.id   5ED9
#
_cell.length_a   86.371
_cell.length_b   34.743
_cell.length_c   99.839
_cell.angle_alpha   90.000
_cell.angle_beta   101.490
_cell.angle_gamma   90.000
#
_symmetry.space_group_name_H-M   'C 1 2 1'
#
loop_
_entity.id
_entity.type
_entity.pdbx_description
1 polymer 'SUN domain-containing protein 2'
2 water water
#
_entity_poly.entity_id   1
_entity_poly.type   'polypeptide(L)'
_entity_poly.pdbx_seq_one_letter_code
;GPGSEFKSMTQEAFQESSVKELGRLEAQLASLRQELAALTLKQNSVADEVGLLPQKIQAARADVESQFPDWIRQFLLG
;
_entity_poly.pdbx_strand_id   A,B,C
#
# COMPACT_ATOMS: atom_id res chain seq x y z
N PHE A 6 24.54 -1.81 35.02
CA PHE A 6 23.10 -1.99 34.87
C PHE A 6 22.36 -1.92 36.21
N LYS A 7 21.22 -1.25 36.21
CA LYS A 7 20.42 -1.09 37.42
C LYS A 7 19.19 -2.00 37.40
N SER A 8 19.12 -2.93 38.35
CA SER A 8 17.96 -3.79 38.43
C SER A 8 16.87 -3.17 39.30
N MET A 9 15.63 -3.52 39.02
CA MET A 9 14.49 -3.10 39.83
C MET A 9 14.11 -4.29 40.71
N THR A 10 13.20 -4.07 41.66
CA THR A 10 12.65 -5.18 42.42
C THR A 10 11.84 -6.04 41.47
N GLN A 11 11.57 -7.29 41.84
CA GLN A 11 10.74 -8.17 41.02
C GLN A 11 9.38 -7.55 40.71
N GLU A 12 8.78 -6.92 41.71
CA GLU A 12 7.45 -6.34 41.55
C GLU A 12 7.46 -5.14 40.60
N ALA A 13 8.46 -4.28 40.73
CA ALA A 13 8.59 -3.13 39.84
C ALA A 13 8.83 -3.58 38.39
N PHE A 14 9.67 -4.58 38.20
CA PHE A 14 9.94 -5.06 36.85
C PHE A 14 8.72 -5.74 36.23
N GLN A 15 7.96 -6.46 37.06
CA GLN A 15 6.70 -7.06 36.62
C GLN A 15 5.77 -5.99 36.08
N GLU A 16 5.64 -4.90 36.83
CA GLU A 16 4.73 -3.82 36.43
C GLU A 16 5.23 -3.09 35.20
N SER A 17 6.51 -2.75 35.16
CA SER A 17 7.03 -1.97 34.05
C SER A 17 7.09 -2.77 32.73
N SER A 18 7.57 -4.01 32.80
CA SER A 18 7.75 -4.80 31.59
C SER A 18 6.41 -5.14 30.95
N VAL A 19 5.41 -5.43 31.78
CA VAL A 19 4.07 -5.75 31.30
C VAL A 19 3.41 -4.55 30.61
N LYS A 20 3.64 -3.36 31.16
CA LYS A 20 3.10 -2.15 30.52
C LYS A 20 3.81 -1.85 29.20
N GLU A 21 5.13 -2.03 29.15
CA GLU A 21 5.88 -1.77 27.92
C GLU A 21 5.55 -2.79 26.81
N LEU A 22 5.34 -4.05 27.19
CA LEU A 22 4.90 -5.07 26.24
C LEU A 22 3.53 -4.75 25.67
N GLY A 23 2.62 -4.30 26.54
CA GLY A 23 1.30 -3.88 26.12
C GLY A 23 1.32 -2.67 25.19
N ARG A 24 2.25 -1.75 25.41
CA ARG A 24 2.41 -0.62 24.50
C ARG A 24 2.80 -1.09 23.11
N LEU A 25 3.83 -1.94 23.05
CA LEU A 25 4.26 -2.51 21.78
C LEU A 25 3.14 -3.28 21.09
N GLU A 26 2.40 -4.07 21.85
CA GLU A 26 1.29 -4.83 21.28
C GLU A 26 0.24 -3.93 20.63
N ALA A 27 -0.08 -2.82 21.28
CA ALA A 27 -1.07 -1.88 20.75
C ALA A 27 -0.54 -1.20 19.49
N GLN A 28 0.76 -0.92 19.47
CA GLN A 28 1.40 -0.35 18.29
C GLN A 28 1.35 -1.33 17.12
N LEU A 29 1.57 -2.61 17.42
CA LEU A 29 1.51 -3.65 16.39
C LEU A 29 0.12 -3.78 15.80
N ALA A 30 -0.91 -3.67 16.65
CA ALA A 30 -2.30 -3.74 16.20
C ALA A 30 -2.65 -2.57 15.28
N SER A 31 -2.22 -1.37 15.66
CA SER A 31 -2.41 -0.19 14.82
C SER A 31 -1.73 -0.34 13.46
N LEU A 32 -0.51 -0.90 13.45
CA LEU A 32 0.22 -1.14 12.21
C LEU A 32 -0.47 -2.18 11.30
N ARG A 33 -0.91 -3.28 11.90
CA ARG A 33 -1.59 -4.35 11.15
C ARG A 33 -2.85 -3.84 10.47
N GLN A 34 -3.55 -2.93 11.15
CA GLN A 34 -4.77 -2.35 10.61
C GLN A 34 -4.47 -1.39 9.46
N GLU A 35 -3.40 -0.61 9.60
CA GLU A 35 -2.89 0.23 8.50
C GLU A 35 -2.59 -0.58 7.26
N LEU A 36 -1.85 -1.68 7.43
CA LEU A 36 -1.52 -2.57 6.33
C LEU A 36 -2.78 -3.08 5.65
N ALA A 37 -3.79 -3.43 6.45
CA ALA A 37 -5.06 -3.92 5.92
C ALA A 37 -5.76 -2.84 5.10
N ALA A 38 -5.76 -1.62 5.65
CA ALA A 38 -6.40 -0.48 5.01
C ALA A 38 -5.75 -0.17 3.66
N LEU A 39 -4.42 -0.29 3.62
CA LEU A 39 -3.66 -0.03 2.41
C LEU A 39 -3.91 -1.08 1.33
N THR A 40 -4.09 -2.34 1.74
CA THR A 40 -4.45 -3.42 0.81
C THR A 40 -5.80 -3.11 0.15
N LEU A 41 -6.72 -2.60 0.95
CA LEU A 41 -8.04 -2.25 0.47
C LEU A 41 -7.98 -1.13 -0.58
N LYS A 42 -7.21 -0.08 -0.29
CA LYS A 42 -6.99 0.99 -1.27
C LYS A 42 -6.34 0.46 -2.54
N GLN A 43 -5.39 -0.44 -2.37
CA GLN A 43 -4.67 -1.03 -3.50
C GLN A 43 -5.60 -1.78 -4.46
N ASN A 44 -6.48 -2.62 -3.91
CA ASN A 44 -7.42 -3.40 -4.72
C ASN A 44 -8.41 -2.52 -5.46
N SER A 45 -8.87 -1.47 -4.79
CA SER A 45 -9.76 -0.50 -5.38
C SER A 45 -9.10 0.16 -6.59
N VAL A 46 -7.85 0.60 -6.42
CA VAL A 46 -7.07 1.17 -7.53
C VAL A 46 -6.86 0.16 -8.66
N ALA A 47 -6.51 -1.07 -8.34
CA ALA A 47 -6.36 -2.09 -9.37
C ALA A 47 -7.68 -2.28 -10.15
N ASP A 48 -8.81 -2.26 -9.46
CA ASP A 48 -10.11 -2.38 -10.12
C ASP A 48 -10.32 -1.24 -11.14
N GLU A 49 -9.98 -0.01 -10.75
CA GLU A 49 -10.08 1.14 -11.64
C GLU A 49 -9.19 0.97 -12.88
N VAL A 50 -7.95 0.53 -12.65
CA VAL A 50 -7.01 0.31 -13.74
C VAL A 50 -7.54 -0.74 -14.71
N GLY A 51 -8.09 -1.83 -14.15
CA GLY A 51 -8.64 -2.89 -14.96
C GLY A 51 -9.77 -2.45 -15.88
N LEU A 52 -10.46 -1.37 -15.51
CA LEU A 52 -11.59 -0.87 -16.30
C LEU A 52 -11.20 0.16 -17.36
N LEU A 53 -9.98 0.67 -17.28
CA LEU A 53 -9.52 1.71 -18.21
C LEU A 53 -9.58 1.37 -19.71
N PRO A 54 -9.12 0.16 -20.11
CA PRO A 54 -9.21 -0.18 -21.54
C PRO A 54 -10.64 -0.17 -22.09
N GLN A 55 -11.58 -0.57 -21.26
CA GLN A 55 -12.99 -0.54 -21.61
C GLN A 55 -13.48 0.89 -21.80
N LYS A 56 -12.89 1.80 -21.05
CA LYS A 56 -13.28 3.21 -21.10
C LYS A 56 -12.74 3.89 -22.36
N ILE A 57 -11.55 3.48 -22.78
CA ILE A 57 -10.92 4.04 -23.97
C ILE A 57 -11.65 3.64 -25.25
N GLN A 58 -12.13 2.40 -25.28
CA GLN A 58 -12.83 1.90 -26.46
C GLN A 58 -14.22 2.52 -26.62
N ALA A 59 -14.86 2.83 -25.50
CA ALA A 59 -16.15 3.48 -25.52
C ALA A 59 -16.04 4.85 -26.17
N ALA A 60 -15.08 5.64 -25.70
CA ALA A 60 -14.81 6.96 -26.26
C ALA A 60 -14.37 6.85 -27.71
N ARG A 61 -13.46 5.90 -27.97
CA ARG A 61 -12.97 5.63 -29.31
C ARG A 61 -14.12 5.36 -30.28
N ALA A 62 -15.06 4.52 -29.85
CA ALA A 62 -16.22 4.20 -30.66
C ALA A 62 -17.21 5.36 -30.67
N ASP A 63 -17.25 6.10 -29.57
CA ASP A 63 -18.16 7.24 -29.46
C ASP A 63 -17.81 8.33 -30.47
N VAL A 64 -16.52 8.57 -30.66
CA VAL A 64 -16.05 9.59 -31.59
C VAL A 64 -16.50 9.31 -33.03
N GLU A 65 -16.28 8.08 -33.48
CA GLU A 65 -16.54 7.72 -34.87
C GLU A 65 -18.03 7.55 -35.20
N SER A 66 -18.87 7.78 -34.21
CA SER A 66 -20.32 7.78 -34.42
C SER A 66 -20.82 9.21 -34.56
N GLN A 67 -20.04 10.14 -34.00
CA GLN A 67 -20.36 11.56 -34.09
C GLN A 67 -19.72 12.18 -35.32
N PHE A 68 -18.98 11.37 -36.07
CA PHE A 68 -18.18 11.88 -37.18
C PHE A 68 -18.96 12.50 -38.37
N PRO A 69 -19.95 11.77 -38.94
CA PRO A 69 -20.66 12.36 -40.08
C PRO A 69 -21.37 13.63 -39.66
N ASP A 70 -21.83 13.65 -38.41
CA ASP A 70 -22.50 14.81 -37.85
C ASP A 70 -21.52 15.98 -37.69
N TRP A 71 -20.24 15.66 -37.56
CA TRP A 71 -19.21 16.69 -37.41
C TRP A 71 -18.94 17.40 -38.73
N ILE A 72 -19.05 16.67 -39.84
CA ILE A 72 -18.90 17.29 -41.15
C ILE A 72 -20.10 18.19 -41.43
N ARG A 73 -21.28 17.72 -41.01
CA ARG A 73 -22.52 18.48 -41.16
C ARG A 73 -22.48 19.78 -40.36
N GLN A 74 -22.04 19.71 -39.11
CA GLN A 74 -21.90 20.90 -38.27
C GLN A 74 -20.92 21.89 -38.89
N PHE A 75 -19.90 21.35 -39.54
CA PHE A 75 -18.82 22.15 -40.12
C PHE A 75 -19.30 23.11 -41.21
N LEU A 76 -20.17 22.62 -42.09
CA LEU A 76 -20.67 23.43 -43.19
C LEU A 76 -22.08 23.97 -42.91
N PHE B 6 8.98 -26.63 50.53
CA PHE B 6 8.16 -26.04 49.47
C PHE B 6 8.98 -25.11 48.59
N LYS B 7 8.82 -25.26 47.29
CA LYS B 7 9.51 -24.42 46.32
C LYS B 7 8.54 -23.43 45.69
N SER B 8 8.83 -22.15 45.79
CA SER B 8 8.01 -21.11 45.17
C SER B 8 8.22 -21.11 43.65
N MET B 9 7.17 -20.81 42.91
CA MET B 9 7.18 -20.98 41.46
C MET B 9 6.95 -19.68 40.69
N THR B 10 6.52 -18.64 41.40
CA THR B 10 6.15 -17.37 40.76
C THR B 10 7.25 -16.75 39.90
N GLN B 11 8.44 -16.64 40.48
CA GLN B 11 9.54 -15.99 39.78
C GLN B 11 9.88 -16.68 38.45
N GLU B 12 9.98 -18.00 38.49
CA GLU B 12 10.31 -18.76 37.30
C GLU B 12 9.19 -18.67 36.28
N ALA B 13 7.95 -18.69 36.77
CA ALA B 13 6.78 -18.65 35.90
C ALA B 13 6.69 -17.31 35.20
N PHE B 14 7.09 -16.23 35.88
CA PHE B 14 7.08 -14.91 35.25
C PHE B 14 8.18 -14.75 34.20
N GLN B 15 9.36 -15.33 34.48
CA GLN B 15 10.40 -15.42 33.47
C GLN B 15 9.86 -16.10 32.21
N GLU B 16 9.21 -17.25 32.40
CA GLU B 16 8.68 -18.03 31.27
C GLU B 16 7.62 -17.29 30.47
N SER B 17 6.68 -16.65 31.13
CA SER B 17 5.61 -15.97 30.42
C SER B 17 6.12 -14.71 29.75
N SER B 18 7.14 -14.08 30.33
CA SER B 18 7.78 -12.91 29.74
C SER B 18 8.42 -13.21 28.39
N VAL B 19 9.25 -14.25 28.35
CA VAL B 19 9.93 -14.62 27.11
C VAL B 19 8.96 -15.16 26.06
N LYS B 20 7.86 -15.76 26.51
CA LYS B 20 6.83 -16.23 25.60
C LYS B 20 6.08 -15.06 24.95
N GLU B 21 5.81 -14.03 25.73
CA GLU B 21 5.10 -12.85 25.23
C GLU B 21 5.99 -12.00 24.33
N LEU B 22 7.27 -11.89 24.66
CA LEU B 22 8.23 -11.28 23.73
C LEU B 22 8.20 -12.03 22.40
N GLY B 23 8.19 -13.36 22.48
CA GLY B 23 8.17 -14.18 21.28
C GLY B 23 6.88 -14.05 20.48
N ARG B 24 5.77 -13.88 21.18
CA ARG B 24 4.49 -13.74 20.50
C ARG B 24 4.46 -12.45 19.70
N LEU B 25 4.97 -11.37 20.29
CA LEU B 25 5.03 -10.07 19.60
C LEU B 25 6.08 -10.05 18.49
N GLU B 26 7.20 -10.73 18.72
CA GLU B 26 8.22 -10.85 17.68
C GLU B 26 7.66 -11.57 16.43
N ALA B 27 6.76 -12.52 16.66
CA ALA B 27 6.14 -13.25 15.54
C ALA B 27 5.17 -12.37 14.78
N GLN B 28 4.45 -11.50 15.50
CA GLN B 28 3.56 -10.53 14.86
C GLN B 28 4.38 -9.58 13.98
N LEU B 29 5.55 -9.17 14.48
CA LEU B 29 6.45 -8.30 13.73
C LEU B 29 6.92 -8.95 12.43
N ALA B 30 7.25 -10.25 12.51
CA ALA B 30 7.65 -11.00 11.33
C ALA B 30 6.54 -11.05 10.30
N SER B 31 5.31 -11.33 10.75
CA SER B 31 4.15 -11.37 9.86
C SER B 31 3.85 -10.01 9.20
N LEU B 32 4.01 -8.93 9.97
CA LEU B 32 3.77 -7.59 9.46
C LEU B 32 4.81 -7.20 8.43
N ARG B 33 6.08 -7.50 8.73
CA ARG B 33 7.18 -7.24 7.81
C ARG B 33 6.98 -7.99 6.49
N GLN B 34 6.56 -9.24 6.59
CA GLN B 34 6.30 -10.05 5.41
C GLN B 34 5.15 -9.46 4.59
N GLU B 35 4.12 -8.95 5.28
CA GLU B 35 2.98 -8.37 4.59
C GLU B 35 3.34 -7.04 3.94
N LEU B 36 4.23 -6.29 4.57
CA LEU B 36 4.72 -5.05 3.98
C LEU B 36 5.55 -5.33 2.73
N ALA B 37 6.36 -6.38 2.76
CA ALA B 37 7.11 -6.80 1.57
C ALA B 37 6.17 -7.19 0.42
N ALA B 38 5.05 -7.83 0.76
CA ALA B 38 4.07 -8.26 -0.24
C ALA B 38 3.33 -7.08 -0.86
N LEU B 39 2.97 -6.11 -0.03
CA LEU B 39 2.36 -4.86 -0.51
C LEU B 39 3.30 -4.10 -1.43
N THR B 40 4.57 -4.04 -1.04
CA THR B 40 5.59 -3.35 -1.81
C THR B 40 5.71 -3.95 -3.20
N LEU B 41 5.68 -5.28 -3.26
CA LEU B 41 5.79 -5.99 -4.53
C LEU B 41 4.57 -5.74 -5.40
N LYS B 42 3.39 -5.78 -4.80
CA LYS B 42 2.17 -5.48 -5.54
C LYS B 42 2.07 -4.03 -6.00
N GLN B 43 2.66 -3.11 -5.23
CA GLN B 43 2.61 -1.69 -5.58
C GLN B 43 3.52 -1.40 -6.77
N ASN B 44 4.68 -2.05 -6.80
CA ASN B 44 5.59 -1.92 -7.92
C ASN B 44 4.96 -2.47 -9.19
N SER B 45 4.27 -3.60 -9.05
CA SER B 45 3.60 -4.22 -10.18
C SER B 45 2.55 -3.28 -10.79
N VAL B 46 1.70 -2.70 -9.94
CA VAL B 46 0.65 -1.82 -10.44
C VAL B 46 1.24 -0.52 -10.95
N ALA B 47 2.32 -0.06 -10.33
CA ALA B 47 3.00 1.13 -10.79
C ALA B 47 3.56 0.95 -12.20
N ASP B 48 4.13 -0.22 -12.49
CA ASP B 48 4.63 -0.49 -13.84
C ASP B 48 3.49 -0.46 -14.85
N GLU B 49 2.34 -0.98 -14.45
CA GLU B 49 1.18 -1.04 -15.32
C GLU B 49 0.62 0.35 -15.57
N VAL B 50 0.56 1.16 -14.52
CA VAL B 50 0.07 2.53 -14.64
C VAL B 50 1.00 3.34 -15.54
N GLY B 51 2.29 3.01 -15.52
CA GLY B 51 3.29 3.68 -16.34
C GLY B 51 3.06 3.57 -17.83
N LEU B 52 2.30 2.58 -18.27
CA LEU B 52 2.03 2.36 -19.70
C LEU B 52 0.69 2.95 -20.15
N LEU B 53 -0.03 3.54 -19.21
CA LEU B 53 -1.36 4.08 -19.51
C LEU B 53 -1.37 5.41 -20.28
N PRO B 54 -0.42 6.33 -19.99
CA PRO B 54 -0.39 7.52 -20.84
C PRO B 54 -0.16 7.17 -22.30
N GLN B 55 0.74 6.22 -22.54
CA GLN B 55 1.01 5.75 -23.89
C GLN B 55 -0.24 5.13 -24.51
N LYS B 56 -1.02 4.44 -23.69
CA LYS B 56 -2.24 3.77 -24.14
C LYS B 56 -3.27 4.76 -24.67
N ILE B 57 -3.40 5.91 -24.02
CA ILE B 57 -4.35 6.92 -24.42
C ILE B 57 -3.87 7.62 -25.69
N GLN B 58 -2.57 7.90 -25.75
CA GLN B 58 -1.97 8.53 -26.92
C GLN B 58 -2.07 7.63 -28.15
N ALA B 59 -1.94 6.33 -27.95
CA ALA B 59 -2.04 5.36 -29.03
C ALA B 59 -3.46 5.27 -29.59
N ALA B 60 -4.44 5.62 -28.76
CA ALA B 60 -5.83 5.63 -29.20
C ALA B 60 -6.19 6.98 -29.81
N ARG B 61 -5.53 8.03 -29.34
CA ARG B 61 -5.75 9.37 -29.85
C ARG B 61 -5.25 9.48 -31.30
N ALA B 62 -4.08 8.92 -31.55
CA ALA B 62 -3.44 9.04 -32.85
C ALA B 62 -3.96 8.02 -33.86
N ASP B 63 -4.53 6.93 -33.37
CA ASP B 63 -5.06 5.89 -34.24
C ASP B 63 -6.38 6.32 -34.84
N VAL B 64 -7.18 7.03 -34.05
CA VAL B 64 -8.39 7.66 -34.56
C VAL B 64 -7.96 8.66 -35.62
N GLU B 65 -6.94 9.46 -35.28
CA GLU B 65 -6.34 10.42 -36.19
C GLU B 65 -5.94 9.81 -37.54
N SER B 66 -5.67 8.50 -37.55
CA SER B 66 -5.20 7.82 -38.74
C SER B 66 -6.30 7.17 -39.57
N GLN B 67 -7.53 7.12 -39.04
CA GLN B 67 -8.64 6.52 -39.76
C GLN B 67 -9.63 7.55 -40.31
N PHE B 68 -9.13 8.72 -40.68
CA PHE B 68 -9.95 9.75 -41.31
C PHE B 68 -9.96 9.69 -42.83
N PRO B 69 -8.78 9.54 -43.47
CA PRO B 69 -8.77 9.42 -44.93
C PRO B 69 -9.74 8.37 -45.44
N ASP B 70 -9.59 7.15 -44.94
CA ASP B 70 -10.50 6.06 -45.34
C ASP B 70 -11.94 6.41 -45.02
N TRP B 71 -12.15 7.04 -43.87
CA TRP B 71 -13.50 7.39 -43.44
C TRP B 71 -14.15 8.43 -44.35
N ILE B 72 -13.44 9.52 -44.60
CA ILE B 72 -14.00 10.64 -45.36
C ILE B 72 -14.25 10.29 -46.83
N ARG B 73 -13.41 9.43 -47.39
CA ARG B 73 -13.60 8.95 -48.77
C ARG B 73 -14.92 8.18 -48.84
N GLN B 74 -15.18 7.37 -47.82
CA GLN B 74 -16.41 6.59 -47.76
C GLN B 74 -17.63 7.49 -47.60
N PHE B 75 -17.52 8.48 -46.74
CA PHE B 75 -18.63 9.40 -46.48
C PHE B 75 -19.03 10.15 -47.74
N LEU B 76 -18.04 10.62 -48.48
CA LEU B 76 -18.28 11.37 -49.70
C LEU B 76 -18.57 10.46 -50.90
N LEU B 77 -18.52 9.15 -50.65
CA LEU B 77 -18.81 8.17 -51.69
C LEU B 77 -20.26 7.73 -51.61
N PHE C 6 28.43 -14.32 48.20
CA PHE C 6 28.13 -14.52 46.79
C PHE C 6 26.86 -13.81 46.36
N LYS C 7 26.95 -13.03 45.29
CA LYS C 7 25.79 -12.32 44.75
C LYS C 7 25.16 -13.09 43.59
N SER C 8 23.89 -13.47 43.75
CA SER C 8 23.18 -14.16 42.68
C SER C 8 22.89 -13.18 41.55
N MET C 9 22.86 -13.68 40.32
CA MET C 9 22.81 -12.80 39.17
C MET C 9 21.70 -13.11 38.18
N THR C 10 20.98 -14.20 38.39
CA THR C 10 19.96 -14.62 37.43
C THR C 10 18.91 -13.54 37.18
N GLN C 11 18.39 -12.96 38.25
CA GLN C 11 17.37 -11.92 38.18
C GLN C 11 17.84 -10.71 37.39
N GLU C 12 19.04 -10.22 37.72
CA GLU C 12 19.55 -9.02 37.05
C GLU C 12 19.93 -9.29 35.60
N ALA C 13 20.38 -10.50 35.30
CA ALA C 13 20.67 -10.87 33.92
C ALA C 13 19.37 -11.02 33.14
N PHE C 14 18.35 -11.55 33.78
CA PHE C 14 17.05 -11.73 33.12
C PHE C 14 16.42 -10.38 32.81
N GLN C 15 16.52 -9.45 33.75
CA GLN C 15 16.00 -8.10 33.56
C GLN C 15 16.71 -7.40 32.41
N GLU C 16 18.04 -7.44 32.41
CA GLU C 16 18.81 -6.76 31.39
C GLU C 16 18.55 -7.33 29.99
N SER C 17 18.49 -8.66 29.89
CA SER C 17 18.27 -9.28 28.59
C SER C 17 16.86 -9.02 28.04
N SER C 18 15.87 -9.07 28.92
CA SER C 18 14.47 -8.85 28.55
C SER C 18 14.27 -7.42 28.06
N VAL C 19 14.82 -6.46 28.78
CA VAL C 19 14.77 -5.06 28.39
C VAL C 19 15.40 -4.85 27.04
N LYS C 20 16.58 -5.44 26.86
CA LYS C 20 17.32 -5.36 25.61
C LYS C 20 16.56 -6.01 24.45
N GLU C 21 15.94 -7.15 24.71
CA GLU C 21 15.18 -7.85 23.68
C GLU C 21 13.94 -7.05 23.27
N LEU C 22 13.27 -6.44 24.24
CA LEU C 22 12.14 -5.58 23.93
C LEU C 22 12.61 -4.40 23.09
N GLY C 23 13.79 -3.88 23.41
CA GLY C 23 14.40 -2.84 22.59
C GLY C 23 14.61 -3.29 21.15
N ARG C 24 15.04 -4.54 20.96
CA ARG C 24 15.26 -5.05 19.62
C ARG C 24 13.96 -5.12 18.81
N LEU C 25 12.87 -5.50 19.47
CA LEU C 25 11.57 -5.58 18.81
C LEU C 25 11.04 -4.17 18.51
N GLU C 26 11.25 -3.25 19.44
CA GLU C 26 10.83 -1.86 19.24
C GLU C 26 11.54 -1.20 18.07
N ALA C 27 12.80 -1.55 17.84
CA ALA C 27 13.55 -1.04 16.68
C ALA C 27 13.04 -1.64 15.37
N GLN C 28 12.61 -2.90 15.41
CA GLN C 28 11.97 -3.53 14.26
C GLN C 28 10.70 -2.78 13.89
N LEU C 29 9.92 -2.39 14.90
CA LEU C 29 8.68 -1.67 14.66
C LEU C 29 8.93 -0.30 14.00
N ALA C 30 9.92 0.44 14.51
CA ALA C 30 10.27 1.75 13.95
C ALA C 30 10.68 1.64 12.49
N SER C 31 11.36 0.56 12.14
CA SER C 31 11.80 0.35 10.76
C SER C 31 10.60 0.09 9.84
N LEU C 32 9.60 -0.64 10.35
CA LEU C 32 8.36 -0.90 9.62
C LEU C 32 7.50 0.34 9.41
N ARG C 33 7.38 1.17 10.45
CA ARG C 33 6.63 2.40 10.33
C ARG C 33 7.24 3.35 9.29
N GLN C 34 8.57 3.47 9.31
CA GLN C 34 9.27 4.29 8.31
C GLN C 34 9.01 3.78 6.90
N GLU C 35 9.09 2.47 6.70
CA GLU C 35 8.87 1.90 5.37
C GLU C 35 7.42 2.02 4.93
N LEU C 36 6.48 1.78 5.83
CA LEU C 36 5.07 1.94 5.50
C LEU C 36 4.69 3.39 5.19
N ALA C 37 5.32 4.34 5.87
CA ALA C 37 5.07 5.76 5.58
C ALA C 37 5.45 6.09 4.14
N ALA C 38 6.62 5.62 3.71
CA ALA C 38 7.07 5.83 2.34
C ALA C 38 6.14 5.15 1.33
N LEU C 39 5.66 3.96 1.66
CA LEU C 39 4.80 3.22 0.75
C LEU C 39 3.43 3.85 0.61
N THR C 40 2.88 4.33 1.73
CA THR C 40 1.59 5.01 1.75
C THR C 40 1.56 6.18 0.77
N LEU C 41 2.60 7.02 0.82
CA LEU C 41 2.74 8.15 -0.09
C LEU C 41 2.78 7.71 -1.55
N LYS C 42 3.57 6.66 -1.83
CA LYS C 42 3.67 6.13 -3.19
C LYS C 42 2.31 5.64 -3.67
N GLN C 43 1.61 4.94 -2.81
CA GLN C 43 0.32 4.39 -3.18
C GLN C 43 -0.70 5.50 -3.40
N ASN C 44 -0.67 6.52 -2.53
CA ASN C 44 -1.56 7.67 -2.65
C ASN C 44 -1.33 8.40 -3.96
N SER C 45 -0.07 8.48 -4.38
CA SER C 45 0.28 9.16 -5.62
C SER C 45 -0.26 8.42 -6.85
N VAL C 46 -0.21 7.09 -6.80
CA VAL C 46 -0.71 6.28 -7.89
C VAL C 46 -2.22 6.34 -7.95
N ALA C 47 -2.84 6.32 -6.77
CA ALA C 47 -4.29 6.43 -6.66
C ALA C 47 -4.75 7.78 -7.24
N ASP C 48 -4.01 8.83 -6.93
CA ASP C 48 -4.33 10.17 -7.45
C ASP C 48 -4.29 10.23 -8.97
N GLU C 49 -3.25 9.65 -9.57
CA GLU C 49 -3.09 9.64 -11.02
C GLU C 49 -4.18 8.84 -11.72
N VAL C 50 -4.45 7.64 -11.20
CA VAL C 50 -5.49 6.77 -11.76
C VAL C 50 -6.86 7.43 -11.65
N GLY C 51 -7.08 8.13 -10.54
CA GLY C 51 -8.34 8.83 -10.33
C GLY C 51 -8.61 9.94 -11.33
N LEU C 52 -7.55 10.45 -11.95
CA LEU C 52 -7.69 11.55 -12.92
C LEU C 52 -7.72 11.06 -14.37
N LEU C 53 -7.45 9.77 -14.57
CA LEU C 53 -7.42 9.22 -15.92
C LEU C 53 -8.72 9.32 -16.74
N PRO C 54 -9.89 9.06 -16.11
CA PRO C 54 -11.14 9.30 -16.84
C PRO C 54 -11.24 10.72 -17.39
N GLN C 55 -10.84 11.71 -16.61
CA GLN C 55 -10.82 13.10 -17.08
C GLN C 55 -9.91 13.28 -18.28
N LYS C 56 -8.76 12.61 -18.27
CA LYS C 56 -7.84 12.68 -19.40
C LYS C 56 -8.41 12.04 -20.68
N ILE C 57 -9.14 10.95 -20.52
CA ILE C 57 -9.81 10.31 -21.66
C ILE C 57 -10.82 11.27 -22.31
N GLN C 58 -11.61 11.93 -21.49
CA GLN C 58 -12.59 12.90 -21.98
C GLN C 58 -11.90 14.07 -22.68
N ALA C 59 -10.75 14.47 -22.15
CA ALA C 59 -9.95 15.53 -22.78
C ALA C 59 -9.48 15.11 -24.17
N ALA C 60 -9.10 13.84 -24.30
CA ALA C 60 -8.64 13.32 -25.58
C ALA C 60 -9.76 13.30 -26.62
N ARG C 61 -10.98 12.98 -26.19
CA ARG C 61 -12.09 12.92 -27.13
C ARG C 61 -12.65 14.31 -27.45
N ALA C 62 -12.48 15.26 -26.54
CA ALA C 62 -12.85 16.64 -26.82
C ALA C 62 -11.84 17.27 -27.77
N ASP C 63 -10.57 16.91 -27.62
CA ASP C 63 -9.51 17.41 -28.48
C ASP C 63 -9.69 16.95 -29.93
N VAL C 64 -10.02 15.68 -30.11
CA VAL C 64 -10.35 15.15 -31.43
C VAL C 64 -11.41 16.02 -32.09
N GLU C 65 -12.53 16.22 -31.40
CA GLU C 65 -13.64 17.00 -31.94
C GLU C 65 -13.25 18.44 -32.26
N SER C 66 -12.34 19.01 -31.47
CA SER C 66 -11.89 20.38 -31.67
C SER C 66 -10.88 20.48 -32.80
N GLN C 67 -9.97 19.51 -32.88
CA GLN C 67 -8.78 19.63 -33.72
C GLN C 67 -9.00 19.46 -35.23
N PHE C 68 -10.24 19.19 -35.66
CA PHE C 68 -10.47 18.96 -37.08
C PHE C 68 -11.50 19.90 -37.69
#